data_2BFN
#
_entry.id   2BFN
#
_cell.length_a   50.571
_cell.length_b   72.142
_cell.length_c   73.311
_cell.angle_alpha   90.00
_cell.angle_beta   90.00
_cell.angle_gamma   90.00
#
_symmetry.space_group_name_H-M   'P 21 21 21'
#
loop_
_entity.id
_entity.type
_entity.pdbx_description
1 polymer 'HALOGENALKANE DEHALOGENASE'
2 non-polymer (2S)-2,3-DICHLOROPROPAN-1-OL
3 non-polymer 'CHLORIDE ION'
4 non-polymer 'CALCIUM ION'
5 water water
#
_entity_poly.entity_id   1
_entity_poly.type   'polypeptide(L)'
_entity_poly.pdbx_seq_one_letter_code
;MSLGAKPFGEKKFIEIKGRRMAYIDEGTGDPILFQHGNPTSSYLWRNIMPHCAGLGRLIACDLIGMGDSDKLDPSGPERY
AYAEHRDYLDALWEALDLGDRVVLVVHDWGSALGFDWARRHRERVQGIAYMEAIAMPIEWADFPEQDRDLFQAFRSQAGE
ELVLQDNVFVEQVLPGLILRPLSEAEMAAYREPFLAAGEARRPTLSWPRQIPIAGTPADVVAIARDYAGWLSESPIPKLF
INAEPGALTTGRMRDFCRTWPNQTEITVAGAHFIQEDSPDEIGAAIAAFVRRLRPA
;
_entity_poly.pdbx_strand_id   A
#
# COMPACT_ATOMS: atom_id res chain seq x y z
N LEU A 3 -19.69 -5.34 -2.18
CA LEU A 3 -19.34 -5.98 -3.50
C LEU A 3 -18.78 -7.39 -3.35
N GLY A 4 -18.13 -7.70 -2.23
CA GLY A 4 -17.85 -9.09 -1.96
C GLY A 4 -16.63 -9.40 -1.16
N ALA A 5 -16.68 -10.55 -0.52
CA ALA A 5 -15.61 -11.05 0.30
C ALA A 5 -14.69 -12.03 -0.42
N LYS A 6 -15.04 -12.47 -1.63
CA LYS A 6 -14.21 -13.44 -2.33
C LYS A 6 -12.93 -12.77 -2.86
N PRO A 7 -11.79 -13.46 -2.74
CA PRO A 7 -10.58 -12.97 -3.34
C PRO A 7 -10.63 -12.99 -4.86
N PHE A 8 -9.71 -12.24 -5.44
CA PHE A 8 -9.56 -12.17 -6.89
C PHE A 8 -8.45 -13.14 -7.28
N GLY A 9 -8.69 -13.95 -8.29
CA GLY A 9 -7.63 -14.81 -8.83
C GLY A 9 -7.25 -15.91 -7.86
N GLU A 10 -6.16 -16.60 -8.11
CA GLU A 10 -5.66 -17.55 -7.11
C GLU A 10 -4.22 -17.17 -6.80
N LYS A 11 -3.80 -17.50 -5.60
CA LYS A 11 -2.48 -17.15 -5.14
C LYS A 11 -1.41 -18.04 -5.83
N LYS A 12 -0.34 -17.38 -6.30
CA LYS A 12 0.86 -18.01 -6.84
C LYS A 12 1.99 -17.70 -5.87
N PHE A 13 3.00 -18.56 -5.87
CA PHE A 13 4.14 -18.43 -4.96
C PHE A 13 5.45 -18.49 -5.71
N ILE A 14 6.43 -17.76 -5.20
CA ILE A 14 7.77 -17.74 -5.80
C ILE A 14 8.79 -17.55 -4.69
N GLU A 15 9.91 -18.25 -4.82
CA GLU A 15 10.98 -18.13 -3.82
C GLU A 15 11.84 -16.91 -4.08
N ILE A 16 12.00 -16.11 -3.03
CA ILE A 16 12.76 -14.87 -3.03
C ILE A 16 13.65 -14.84 -1.79
N LYS A 17 14.96 -14.74 -2.00
CA LYS A 17 15.91 -14.69 -0.89
C LYS A 17 15.64 -15.80 0.11
N GLY A 18 15.35 -17.00 -0.40
CA GLY A 18 15.13 -18.15 0.46
C GLY A 18 13.77 -18.22 1.11
N ARG A 19 12.89 -17.25 0.83
CA ARG A 19 11.55 -17.22 1.40
C ARG A 19 10.51 -17.30 0.28
N ARG A 20 9.35 -17.84 0.60
CA ARG A 20 8.28 -17.90 -0.36
C ARG A 20 7.44 -16.63 -0.23
N MET A 21 7.24 -15.93 -1.34
CA MET A 21 6.31 -14.80 -1.41
C MET A 21 5.09 -15.15 -2.26
N ALA A 22 3.93 -14.63 -1.87
CA ALA A 22 2.65 -14.90 -2.54
C ALA A 22 2.20 -13.70 -3.33
N TYR A 23 1.49 -13.96 -4.43
CA TYR A 23 1.04 -12.88 -5.28
C TYR A 23 -0.06 -13.37 -6.20
N ILE A 24 -0.88 -12.43 -6.67
CA ILE A 24 -1.82 -12.65 -7.74
C ILE A 24 -1.21 -12.16 -9.04
N ASP A 25 -1.41 -12.91 -10.13
CA ASP A 25 -0.89 -12.53 -11.44
C ASP A 25 -1.85 -13.11 -12.48
N GLU A 26 -2.78 -12.27 -12.97
CA GLU A 26 -3.86 -12.74 -13.84
C GLU A 26 -3.87 -11.95 -15.13
N GLY A 27 -4.01 -12.64 -16.25
CA GLY A 27 -4.18 -11.94 -17.53
C GLY A 27 -2.87 -11.77 -18.28
N THR A 28 -2.94 -11.05 -19.39
CA THR A 28 -1.81 -10.87 -20.27
C THR A 28 -1.63 -9.39 -20.58
N GLY A 29 -0.40 -9.06 -20.94
CA GLY A 29 -0.07 -7.71 -21.38
C GLY A 29 0.85 -7.00 -20.40
N ASP A 30 0.87 -5.68 -20.53
CA ASP A 30 1.69 -4.88 -19.65
C ASP A 30 1.06 -4.89 -18.27
N PRO A 31 1.88 -4.91 -17.23
CA PRO A 31 1.35 -5.02 -15.88
C PRO A 31 0.63 -3.80 -15.35
N ILE A 32 -0.38 -4.12 -14.55
CA ILE A 32 -1.04 -3.14 -13.67
C ILE A 32 -0.82 -3.71 -12.28
N LEU A 33 0.01 -3.02 -11.52
CA LEU A 33 0.62 -3.57 -10.32
C LEU A 33 0.02 -2.87 -9.11
N PHE A 34 -0.74 -3.63 -8.31
CA PHE A 34 -1.50 -3.10 -7.18
C PHE A 34 -0.76 -3.41 -5.91
N GLN A 35 -0.35 -2.41 -5.12
CA GLN A 35 0.44 -2.70 -3.92
C GLN A 35 -0.23 -2.18 -2.63
N HIS A 36 -0.61 -3.12 -1.79
CA HIS A 36 -1.17 -2.88 -0.46
C HIS A 36 -0.13 -2.35 0.53
N GLY A 37 -0.63 -1.84 1.65
CA GLY A 37 0.20 -1.42 2.78
C GLY A 37 -0.19 -2.12 4.08
N ASN A 38 -0.17 -1.39 5.19
CA ASN A 38 -0.37 -2.00 6.50
C ASN A 38 -1.80 -1.83 7.03
N PRO A 39 -2.42 -2.88 7.58
CA PRO A 39 -2.00 -4.27 7.77
C PRO A 39 -2.74 -5.18 6.83
N THR A 40 -2.76 -4.83 5.55
CA THR A 40 -3.58 -5.52 4.58
C THR A 40 -2.72 -6.51 3.76
N SER A 41 -3.24 -6.91 2.60
CA SER A 41 -2.57 -7.82 1.68
C SER A 41 -3.16 -7.58 0.30
N SER A 42 -2.81 -8.43 -0.65
CA SER A 42 -3.44 -8.39 -1.95
C SER A 42 -4.97 -8.39 -1.91
N TYR A 43 -5.53 -8.96 -0.85
CA TYR A 43 -6.98 -9.03 -0.63
C TYR A 43 -7.66 -7.66 -0.70
N LEU A 44 -6.92 -6.62 -0.32
CA LEU A 44 -7.44 -5.25 -0.35
C LEU A 44 -7.99 -4.84 -1.71
N TRP A 45 -7.42 -5.41 -2.76
CA TRP A 45 -7.74 -4.98 -4.12
C TRP A 45 -8.75 -5.88 -4.82
N ARG A 46 -9.35 -6.81 -4.10
CA ARG A 46 -10.14 -7.90 -4.71
C ARG A 46 -11.34 -7.39 -5.52
N ASN A 47 -11.92 -6.28 -5.10
CA ASN A 47 -13.10 -5.70 -5.80
C ASN A 47 -12.75 -4.57 -6.78
N ILE A 48 -11.46 -4.26 -6.85
CA ILE A 48 -10.94 -3.22 -7.72
C ILE A 48 -10.32 -3.82 -8.97
N MET A 49 -9.48 -4.85 -8.77
CA MET A 49 -8.82 -5.49 -9.91
C MET A 49 -9.76 -5.92 -11.05
N PRO A 50 -10.95 -6.49 -10.75
CA PRO A 50 -11.91 -6.87 -11.82
C PRO A 50 -12.22 -5.81 -12.84
N HIS A 51 -12.25 -4.54 -12.43
CA HIS A 51 -12.51 -3.46 -13.36
C HIS A 51 -11.47 -3.35 -14.47
N CYS A 52 -10.28 -3.89 -14.24
CA CYS A 52 -9.19 -3.81 -15.22
C CYS A 52 -9.04 -5.07 -16.07
N ALA A 53 -10.02 -5.97 -16.00
CA ALA A 53 -10.00 -7.18 -16.81
C ALA A 53 -9.75 -6.85 -18.28
N GLY A 54 -8.81 -7.59 -18.85
CA GLY A 54 -8.42 -7.47 -20.24
C GLY A 54 -7.53 -6.29 -20.58
N LEU A 55 -7.23 -5.41 -19.61
CA LEU A 55 -6.42 -4.23 -19.88
C LEU A 55 -4.94 -4.44 -19.63
N GLY A 56 -4.57 -5.56 -19.05
CA GLY A 56 -3.20 -5.81 -18.73
C GLY A 56 -3.07 -7.03 -17.84
N ARG A 57 -1.84 -7.27 -17.43
CA ARG A 57 -1.52 -8.35 -16.55
C ARG A 57 -1.74 -7.79 -15.13
N LEU A 58 -2.69 -8.36 -14.40
CA LEU A 58 -3.15 -7.77 -13.16
C LEU A 58 -2.42 -8.45 -12.00
N ILE A 59 -1.58 -7.69 -11.30
CA ILE A 59 -0.66 -8.25 -10.32
C ILE A 59 -0.88 -7.59 -8.97
N ALA A 60 -0.94 -8.41 -7.91
CA ALA A 60 -1.00 -7.88 -6.56
C ALA A 60 -0.17 -8.76 -5.67
N CYS A 61 0.93 -8.21 -5.16
CA CYS A 61 1.84 -8.97 -4.32
C CYS A 61 1.55 -8.79 -2.84
N ASP A 62 1.77 -9.86 -2.07
CA ASP A 62 1.73 -9.78 -0.60
C ASP A 62 3.13 -9.47 -0.08
N LEU A 63 3.25 -8.37 0.66
CA LEU A 63 4.54 -7.98 1.23
C LEU A 63 5.06 -9.08 2.14
N ILE A 64 6.37 -9.14 2.30
CA ILE A 64 6.97 -10.18 3.13
C ILE A 64 6.39 -10.10 4.55
N GLY A 65 6.12 -11.25 5.14
CA GLY A 65 5.47 -11.30 6.44
C GLY A 65 3.99 -11.00 6.48
N MET A 66 3.38 -10.73 5.31
CA MET A 66 1.97 -10.33 5.24
C MET A 66 1.24 -11.22 4.25
N GLY A 67 -0.09 -11.25 4.32
CA GLY A 67 -0.86 -12.08 3.43
C GLY A 67 -0.41 -13.53 3.53
N ASP A 68 -0.19 -14.16 2.37
CA ASP A 68 0.31 -15.56 2.34
C ASP A 68 1.83 -15.65 2.11
N SER A 69 2.53 -14.51 2.18
CA SER A 69 3.98 -14.52 2.13
C SER A 69 4.58 -15.00 3.45
N ASP A 70 5.76 -15.60 3.34
CA ASP A 70 6.44 -16.14 4.52
C ASP A 70 6.77 -15.04 5.54
N LYS A 71 6.75 -15.44 6.80
CA LYS A 71 7.35 -14.68 7.87
C LYS A 71 8.88 -14.77 7.81
N LEU A 72 9.52 -13.71 8.27
CA LEU A 72 10.96 -13.63 8.41
C LEU A 72 11.54 -13.98 9.78
C LEU A 72 11.18 -14.16 9.82
N ASP A 73 11.95 -15.22 9.93
CA ASP A 73 12.42 -15.69 11.23
C ASP A 73 13.93 -15.72 11.15
N PRO A 74 14.62 -15.35 12.23
CA PRO A 74 14.08 -14.92 13.51
C PRO A 74 13.57 -13.48 13.46
N SER A 75 12.37 -13.23 13.96
CA SER A 75 11.79 -11.90 13.92
C SER A 75 12.02 -11.18 15.23
N GLY A 76 11.96 -9.86 15.16
CA GLY A 76 12.20 -9.01 16.31
C GLY A 76 12.11 -7.56 15.92
N PRO A 77 12.45 -6.67 16.84
CA PRO A 77 12.32 -5.24 16.61
C PRO A 77 13.13 -4.69 15.45
N GLU A 78 14.16 -5.42 15.02
CA GLU A 78 14.99 -4.97 13.91
C GLU A 78 14.47 -5.43 12.55
N ARG A 79 13.47 -6.31 12.57
CA ARG A 79 12.96 -6.92 11.35
C ARG A 79 11.80 -6.11 10.76
N TYR A 80 11.63 -6.22 9.45
CA TYR A 80 10.50 -5.64 8.70
C TYR A 80 10.53 -4.11 8.63
N ALA A 81 11.73 -3.55 8.71
CA ALA A 81 11.89 -2.15 8.37
C ALA A 81 11.68 -1.94 6.86
N TYR A 82 11.50 -0.68 6.47
CA TYR A 82 11.23 -0.34 5.07
C TYR A 82 12.30 -0.94 4.14
N ALA A 83 13.57 -0.80 4.51
CA ALA A 83 14.64 -1.25 3.65
C ALA A 83 14.59 -2.75 3.41
N GLU A 84 14.20 -3.52 4.42
CA GLU A 84 14.09 -4.96 4.26
C GLU A 84 12.91 -5.32 3.35
N HIS A 85 11.76 -4.68 3.58
CA HIS A 85 10.60 -4.85 2.68
C HIS A 85 10.96 -4.54 1.23
N ARG A 86 11.69 -3.44 1.05
CA ARG A 86 12.11 -3.03 -0.31
C ARG A 86 13.01 -4.08 -0.97
N ASP A 87 13.92 -4.66 -0.21
CA ASP A 87 14.79 -5.70 -0.77
C ASP A 87 13.95 -6.87 -1.28
N TYR A 88 12.96 -7.30 -0.50
CA TYR A 88 12.11 -8.42 -0.93
C TYR A 88 11.23 -8.02 -2.10
N LEU A 89 10.59 -6.88 -2.00
CA LEU A 89 9.68 -6.46 -3.06
C LEU A 89 10.41 -6.18 -4.38
N ASP A 90 11.57 -5.55 -4.31
CA ASP A 90 12.37 -5.29 -5.53
C ASP A 90 12.66 -6.64 -6.19
N ALA A 91 13.06 -7.61 -5.39
CA ALA A 91 13.46 -8.90 -5.94
C ALA A 91 12.28 -9.65 -6.55
N LEU A 92 11.12 -9.56 -5.89
CA LEU A 92 9.91 -10.17 -6.44
C LEU A 92 9.52 -9.49 -7.75
N TRP A 93 9.51 -8.16 -7.78
CA TRP A 93 9.16 -7.45 -9.01
C TRP A 93 10.13 -7.75 -10.16
N GLU A 94 11.41 -7.93 -9.84
CA GLU A 94 12.40 -8.35 -10.85
C GLU A 94 12.05 -9.73 -11.37
N ALA A 95 11.71 -10.64 -10.45
CA ALA A 95 11.43 -12.03 -10.81
C ALA A 95 10.18 -12.19 -11.66
N LEU A 96 9.25 -11.25 -11.54
CA LEU A 96 8.00 -11.30 -12.28
C LEU A 96 8.09 -10.83 -13.74
N ASP A 97 9.24 -10.29 -14.15
CA ASP A 97 9.49 -9.93 -15.55
C ASP A 97 8.41 -8.97 -16.09
N LEU A 98 8.40 -7.79 -15.47
CA LEU A 98 7.33 -6.82 -15.66
C LEU A 98 7.46 -6.03 -16.94
N GLY A 99 8.65 -5.99 -17.53
CA GLY A 99 8.85 -5.18 -18.73
C GLY A 99 8.94 -3.69 -18.42
N ASP A 100 8.72 -2.86 -19.42
CA ASP A 100 8.98 -1.44 -19.32
C ASP A 100 7.81 -0.49 -19.54
N ARG A 101 6.57 -0.98 -19.37
CA ARG A 101 5.36 -0.12 -19.37
C ARG A 101 4.42 -0.52 -18.24
N VAL A 102 4.86 -0.30 -17.03
CA VAL A 102 4.11 -0.69 -15.84
C VAL A 102 3.21 0.44 -15.36
N VAL A 103 1.97 0.11 -14.99
CA VAL A 103 1.12 1.04 -14.26
C VAL A 103 1.09 0.62 -12.80
N LEU A 104 1.46 1.53 -11.89
CA LEU A 104 1.44 1.26 -10.44
C LEU A 104 0.16 1.79 -9.86
N VAL A 105 -0.46 1.01 -8.97
CA VAL A 105 -1.67 1.42 -8.26
C VAL A 105 -1.33 1.17 -6.79
N VAL A 106 -1.24 2.22 -5.98
CA VAL A 106 -0.60 2.12 -4.66
C VAL A 106 -1.38 2.79 -3.53
N HIS A 107 -1.14 2.29 -2.32
CA HIS A 107 -1.84 2.70 -1.10
C HIS A 107 -0.91 2.60 0.09
N ASP A 108 -0.91 3.61 0.97
CA ASP A 108 -0.22 3.50 2.26
C ASP A 108 1.25 3.08 2.05
N TRP A 109 1.74 2.05 2.76
CA TRP A 109 3.14 1.65 2.56
C TRP A 109 3.43 1.14 1.18
N GLY A 110 2.42 0.65 0.50
CA GLY A 110 2.56 0.30 -0.92
C GLY A 110 2.92 1.50 -1.78
N SER A 111 2.46 2.68 -1.38
CA SER A 111 2.86 3.93 -2.09
C SER A 111 4.29 4.36 -1.78
N ALA A 112 4.75 4.24 -0.55
CA ALA A 112 6.16 4.53 -0.28
C ALA A 112 7.03 3.61 -1.08
N LEU A 113 6.72 2.32 -1.05
CA LEU A 113 7.49 1.34 -1.81
C LEU A 113 7.39 1.59 -3.33
N GLY A 114 6.16 1.77 -3.80
CA GLY A 114 5.96 1.99 -5.23
C GLY A 114 6.51 3.32 -5.74
N PHE A 115 6.35 4.41 -4.98
CA PHE A 115 6.93 5.70 -5.38
C PHE A 115 8.46 5.64 -5.46
N ASP A 116 9.07 5.01 -4.47
CA ASP A 116 10.53 4.81 -4.48
C ASP A 116 10.98 3.96 -5.65
N TRP A 117 10.28 2.85 -5.91
CA TRP A 117 10.61 2.00 -7.05
C TRP A 117 10.46 2.78 -8.35
N ALA A 118 9.40 3.56 -8.44
CA ALA A 118 9.15 4.31 -9.67
C ALA A 118 10.27 5.32 -9.90
N ARG A 119 10.71 6.00 -8.84
CA ARG A 119 11.81 6.95 -8.97
C ARG A 119 13.04 6.26 -9.50
N ARG A 120 13.31 5.05 -9.00
CA ARG A 120 14.52 4.31 -9.40
C ARG A 120 14.42 3.62 -10.77
N HIS A 121 13.19 3.38 -11.22
CA HIS A 121 12.91 2.65 -12.46
C HIS A 121 12.01 3.48 -13.35
N ARG A 122 12.21 4.80 -13.36
CA ARG A 122 11.28 5.72 -13.99
C ARG A 122 11.00 5.45 -15.47
N GLU A 123 11.97 4.90 -16.19
CA GLU A 123 11.77 4.66 -17.65
C GLU A 123 10.76 3.58 -17.90
N ARG A 124 10.46 2.80 -16.87
CA ARG A 124 9.58 1.64 -16.98
C ARG A 124 8.17 1.95 -16.52
N VAL A 125 7.91 3.17 -16.07
CA VAL A 125 6.66 3.51 -15.44
C VAL A 125 5.78 4.29 -16.40
N GLN A 126 4.68 3.66 -16.79
CA GLN A 126 3.72 4.28 -17.70
C GLN A 126 2.74 5.22 -17.01
N GLY A 127 2.44 4.94 -15.75
CA GLY A 127 1.48 5.72 -15.03
C GLY A 127 1.42 5.32 -13.57
N ILE A 128 0.97 6.24 -12.72
CA ILE A 128 0.87 5.97 -11.30
C ILE A 128 -0.49 6.43 -10.77
N ALA A 129 -1.24 5.48 -10.21
CA ALA A 129 -2.50 5.79 -9.52
C ALA A 129 -2.26 5.60 -8.02
N TYR A 130 -2.62 6.61 -7.21
CA TYR A 130 -2.31 6.56 -5.79
C TYR A 130 -3.44 7.08 -4.95
N MET A 131 -3.53 6.62 -3.69
CA MET A 131 -4.59 7.01 -2.80
C MET A 131 -4.10 6.78 -1.38
N GLU A 132 -4.44 7.69 -0.48
CA GLU A 132 -4.14 7.51 0.94
C GLU A 132 -2.71 7.01 1.08
N ALA A 133 -1.82 7.86 0.57
CA ALA A 133 -0.44 7.59 0.32
C ALA A 133 0.48 8.30 1.31
N ILE A 134 1.72 7.83 1.37
CA ILE A 134 2.77 8.49 2.13
C ILE A 134 3.56 9.28 1.09
N ALA A 135 3.10 10.49 0.77
CA ALA A 135 3.61 11.25 -0.37
C ALA A 135 4.84 12.11 -0.07
N MET A 136 5.12 12.32 1.21
CA MET A 136 6.23 13.14 1.66
C MET A 136 6.42 12.92 3.16
N PRO A 137 7.57 13.30 3.71
CA PRO A 137 7.73 13.32 5.17
C PRO A 137 6.76 14.30 5.77
N ILE A 138 6.24 13.98 6.95
CA ILE A 138 5.29 14.84 7.63
C ILE A 138 5.69 15.10 9.07
N GLU A 139 4.87 15.95 9.74
CA GLU A 139 5.02 16.28 11.15
C GLU A 139 3.81 15.76 11.88
N TRP A 140 3.91 15.67 13.19
CA TRP A 140 2.76 15.17 13.97
C TRP A 140 1.48 15.97 13.76
N ALA A 141 1.59 17.29 13.58
CA ALA A 141 0.40 18.10 13.30
C ALA A 141 -0.32 17.73 12.00
N ASP A 142 0.38 17.06 11.09
CA ASP A 142 -0.19 16.64 9.82
C ASP A 142 -0.87 15.30 9.94
N PHE A 143 -0.60 14.59 11.03
CA PHE A 143 -1.12 13.23 11.17
C PHE A 143 -2.58 13.33 11.62
N PRO A 144 -3.47 12.48 11.08
CA PRO A 144 -4.88 12.62 11.45
C PRO A 144 -5.09 12.57 12.96
N GLU A 145 -5.92 13.49 13.46
CA GLU A 145 -6.12 13.65 14.89
C GLU A 145 -6.70 12.40 15.58
N GLN A 146 -7.61 11.67 14.91
CA GLN A 146 -8.33 10.53 15.49
C GLN A 146 -7.35 9.53 16.09
N ASP A 147 -6.29 9.20 15.35
CA ASP A 147 -5.39 8.12 15.78
C ASP A 147 -3.97 8.60 16.10
N ARG A 148 -3.79 9.91 16.22
CA ARG A 148 -2.46 10.46 16.51
C ARG A 148 -1.84 9.87 17.78
N ASP A 149 -2.56 9.89 18.90
CA ASP A 149 -1.99 9.39 20.15
C ASP A 149 -1.67 7.91 20.03
N LEU A 150 -2.52 7.16 19.33
CA LEU A 150 -2.29 5.74 19.18
C LEU A 150 -1.00 5.44 18.39
N PHE A 151 -0.79 6.17 17.30
CA PHE A 151 0.41 6.01 16.50
C PHE A 151 1.65 6.46 17.26
N GLN A 152 1.52 7.48 18.09
CA GLN A 152 2.62 7.84 18.98
C GLN A 152 2.94 6.68 19.95
N ALA A 153 1.89 5.99 20.45
CA ALA A 153 2.08 4.85 21.31
C ALA A 153 2.72 3.67 20.58
N PHE A 154 2.33 3.44 19.33
CA PHE A 154 3.02 2.43 18.53
C PHE A 154 4.50 2.69 18.47
N ARG A 155 4.88 3.97 18.40
CA ARG A 155 6.29 4.39 18.23
C ARG A 155 6.92 4.63 19.61
N SER A 156 6.53 3.81 20.55
CA SER A 156 7.02 3.90 21.92
C SER A 156 7.14 2.46 22.38
N GLN A 157 7.64 2.29 23.59
CA GLN A 157 7.79 0.96 24.14
C GLN A 157 6.45 0.23 24.32
N ALA A 158 5.34 0.95 24.35
CA ALA A 158 3.99 0.39 24.48
C ALA A 158 3.57 -0.39 23.25
N GLY A 159 4.29 -0.20 22.15
CA GLY A 159 3.86 -0.78 20.89
C GLY A 159 3.78 -2.29 20.87
N GLU A 160 4.72 -2.98 21.52
CA GLU A 160 4.73 -4.43 21.49
C GLU A 160 3.45 -5.01 22.10
N GLU A 161 3.01 -4.48 23.24
CA GLU A 161 1.79 -5.00 23.85
C GLU A 161 0.57 -4.70 22.96
N LEU A 162 0.49 -3.48 22.47
CA LEU A 162 -0.63 -3.07 21.62
C LEU A 162 -0.75 -3.97 20.39
N VAL A 163 0.36 -4.21 19.73
CA VAL A 163 0.32 -4.91 18.44
C VAL A 163 0.61 -6.37 18.55
N LEU A 164 1.74 -6.74 19.13
CA LEU A 164 2.11 -8.15 19.16
C LEU A 164 1.18 -8.95 20.04
N GLN A 165 0.80 -8.39 21.18
CA GLN A 165 -0.09 -9.12 22.09
C GLN A 165 -1.54 -8.96 21.69
N ASP A 166 -1.95 -7.72 21.42
CA ASP A 166 -3.39 -7.43 21.26
C ASP A 166 -3.86 -7.19 19.82
N ASN A 167 -2.93 -7.16 18.86
CA ASN A 167 -3.29 -7.09 17.43
C ASN A 167 -4.08 -5.84 17.08
N VAL A 168 -3.74 -4.73 17.73
CA VAL A 168 -4.50 -3.49 17.59
C VAL A 168 -4.54 -2.94 16.15
N PHE A 169 -3.48 -3.14 15.37
CA PHE A 169 -3.52 -2.58 14.02
C PHE A 169 -4.60 -3.24 13.18
N VAL A 170 -4.63 -4.56 13.23
CA VAL A 170 -5.64 -5.33 12.52
C VAL A 170 -7.02 -5.13 13.08
N GLU A 171 -7.14 -5.18 14.41
CA GLU A 171 -8.46 -5.31 15.02
C GLU A 171 -9.13 -4.00 15.36
N GLN A 172 -8.36 -2.93 15.51
CA GLN A 172 -8.89 -1.61 15.85
C GLN A 172 -8.69 -0.58 14.74
N VAL A 173 -7.46 -0.43 14.27
CA VAL A 173 -7.13 0.63 13.31
C VAL A 173 -7.81 0.39 12.00
N LEU A 174 -7.71 -0.84 11.51
CA LEU A 174 -8.30 -1.20 10.23
C LEU A 174 -9.82 -0.95 10.17
N PRO A 175 -10.63 -1.58 11.05
CA PRO A 175 -12.07 -1.25 11.02
C PRO A 175 -12.37 0.21 11.31
N GLY A 176 -11.55 0.84 12.14
CA GLY A 176 -11.80 2.21 12.53
C GLY A 176 -11.63 3.20 11.41
N LEU A 177 -10.95 2.77 10.34
CA LEU A 177 -10.70 3.64 9.19
C LEU A 177 -11.37 3.16 7.91
N ILE A 178 -12.46 2.42 8.10
CA ILE A 178 -13.38 1.99 7.04
C ILE A 178 -14.77 2.44 7.46
N LEU A 179 -15.48 3.13 6.56
CA LEU A 179 -16.76 3.73 6.94
C LEU A 179 -17.94 2.74 7.01
N ARG A 180 -17.91 1.68 6.22
CA ARG A 180 -18.98 0.69 6.19
C ARG A 180 -18.60 -0.55 7.02
N PRO A 181 -19.58 -1.27 7.55
CA PRO A 181 -19.24 -2.46 8.34
C PRO A 181 -18.68 -3.60 7.52
N LEU A 182 -17.58 -4.20 7.99
CA LEU A 182 -17.01 -5.37 7.36
C LEU A 182 -17.75 -6.63 7.78
N SER A 183 -17.84 -7.59 6.86
CA SER A 183 -18.39 -8.88 7.17
C SER A 183 -17.42 -9.78 7.92
N GLU A 184 -17.97 -10.88 8.42
CA GLU A 184 -17.21 -11.88 9.12
C GLU A 184 -16.08 -12.42 8.24
N ALA A 185 -16.40 -12.69 6.99
CA ALA A 185 -15.43 -13.26 6.07
C ALA A 185 -14.33 -12.26 5.72
N GLU A 186 -14.71 -10.99 5.56
CA GLU A 186 -13.71 -9.96 5.24
C GLU A 186 -12.71 -9.80 6.38
N MET A 187 -13.21 -9.71 7.61
CA MET A 187 -12.31 -9.60 8.76
C MET A 187 -11.49 -10.86 8.91
N ALA A 188 -12.05 -12.03 8.61
CA ALA A 188 -11.27 -13.26 8.70
C ALA A 188 -10.08 -13.26 7.74
N ALA A 189 -10.32 -12.75 6.54
CA ALA A 189 -9.25 -12.64 5.55
C ALA A 189 -8.16 -11.68 6.00
N TYR A 190 -8.53 -10.58 6.64
CA TYR A 190 -7.53 -9.63 7.13
C TYR A 190 -6.78 -10.11 8.37
N ARG A 191 -7.50 -10.85 9.22
CA ARG A 191 -6.91 -11.40 10.46
C ARG A 191 -5.98 -12.58 10.19
N GLU A 192 -6.23 -13.32 9.11
CA GLU A 192 -5.61 -14.65 8.96
C GLU A 192 -4.09 -14.67 9.11
N PRO A 193 -3.36 -13.71 8.48
CA PRO A 193 -1.89 -13.77 8.60
C PRO A 193 -1.37 -13.47 10.00
N PHE A 194 -2.27 -12.98 10.85
CA PHE A 194 -1.95 -12.40 12.16
C PHE A 194 -2.74 -13.06 13.30
N LEU A 195 -3.17 -14.29 13.09
CA LEU A 195 -3.95 -15.01 14.10
C LEU A 195 -3.14 -15.32 15.34
N ALA A 196 -1.85 -15.54 15.17
CA ALA A 196 -0.96 -15.88 16.28
C ALA A 196 -0.39 -14.63 16.94
N ALA A 197 -0.48 -14.58 18.26
CA ALA A 197 0.18 -13.51 18.99
C ALA A 197 1.68 -13.62 18.85
N GLY A 198 2.35 -12.49 19.03
CA GLY A 198 3.79 -12.42 19.03
C GLY A 198 4.32 -12.01 17.69
N GLU A 199 5.48 -12.57 17.33
CA GLU A 199 6.21 -12.05 16.17
C GLU A 199 5.50 -12.14 14.84
N ALA A 200 4.53 -13.04 14.71
CA ALA A 200 3.72 -13.09 13.48
C ALA A 200 3.14 -11.73 13.14
N ARG A 201 2.87 -10.93 14.19
CA ARG A 201 2.28 -9.60 14.02
C ARG A 201 3.32 -8.46 13.86
N ARG A 202 4.60 -8.78 13.93
CA ARG A 202 5.66 -7.75 13.89
C ARG A 202 5.56 -6.79 12.69
N PRO A 203 5.23 -7.28 11.48
CA PRO A 203 5.13 -6.33 10.38
C PRO A 203 4.16 -5.19 10.62
N THR A 204 3.10 -5.46 11.38
CA THR A 204 2.06 -4.47 11.60
C THR A 204 2.45 -3.45 12.67
N LEU A 205 3.52 -3.74 13.41
CA LEU A 205 4.15 -2.79 14.34
C LEU A 205 5.36 -2.08 13.73
N SER A 206 6.22 -2.82 13.03
CA SER A 206 7.36 -2.18 12.37
C SER A 206 6.91 -1.09 11.39
N TRP A 207 5.79 -1.33 10.70
CA TRP A 207 5.33 -0.33 9.75
C TRP A 207 5.07 1.05 10.35
N PRO A 208 4.22 1.17 11.39
CA PRO A 208 4.03 2.52 11.95
C PRO A 208 5.31 3.15 12.47
N ARG A 209 6.24 2.32 12.91
CA ARG A 209 7.55 2.80 13.37
C ARG A 209 8.42 3.32 12.25
N GLN A 210 8.04 3.05 11.01
CA GLN A 210 8.81 3.49 9.84
C GLN A 210 8.26 4.77 9.21
N ILE A 211 7.08 5.21 9.61
CA ILE A 211 6.47 6.36 8.93
C ILE A 211 7.38 7.57 9.13
N PRO A 212 7.66 8.30 8.04
CA PRO A 212 8.56 9.44 8.13
C PRO A 212 7.86 10.64 8.78
N ILE A 213 7.91 10.70 10.10
CA ILE A 213 7.22 11.73 10.86
C ILE A 213 8.20 12.39 11.80
N ALA A 214 8.21 13.72 11.80
CA ALA A 214 9.04 14.50 12.72
C ALA A 214 10.50 14.06 12.62
N GLY A 215 10.93 13.70 11.41
CA GLY A 215 12.34 13.48 11.13
C GLY A 215 12.90 12.10 11.32
N THR A 216 12.09 11.18 11.84
CA THR A 216 12.59 9.83 12.07
C THR A 216 11.57 8.80 11.58
N PRO A 217 12.04 7.65 11.11
CA PRO A 217 13.44 7.29 10.94
C PRO A 217 14.08 8.08 9.81
N ALA A 218 15.32 8.50 10.03
CA ALA A 218 15.95 9.41 9.08
C ALA A 218 16.12 8.78 7.68
N ASP A 219 16.37 7.47 7.60
CA ASP A 219 16.54 6.82 6.30
C ASP A 219 15.25 6.90 5.48
N VAL A 220 14.13 6.60 6.11
CA VAL A 220 12.86 6.67 5.36
C VAL A 220 12.48 8.10 5.04
N VAL A 221 12.75 9.03 5.96
CA VAL A 221 12.56 10.44 5.67
C VAL A 221 13.30 10.86 4.38
N ALA A 222 14.55 10.44 4.27
CA ALA A 222 15.33 10.80 3.10
C ALA A 222 14.77 10.17 1.82
N ILE A 223 14.36 8.91 1.90
CA ILE A 223 13.76 8.23 0.74
C ILE A 223 12.49 8.96 0.27
N ALA A 224 11.61 9.30 1.21
CA ALA A 224 10.38 10.02 0.90
C ALA A 224 10.65 11.45 0.41
N ARG A 225 11.65 12.11 0.97
CA ARG A 225 12.02 13.43 0.44
C ARG A 225 12.43 13.31 -1.02
N ASP A 226 13.19 12.26 -1.32
CA ASP A 226 13.65 12.00 -2.69
C ASP A 226 12.48 11.75 -3.65
N TYR A 227 11.58 10.83 -3.32
CA TYR A 227 10.50 10.59 -4.25
C TYR A 227 9.49 11.73 -4.29
N ALA A 228 9.36 12.48 -3.19
CA ALA A 228 8.48 13.64 -3.17
C ALA A 228 8.98 14.66 -4.20
N GLY A 229 10.27 14.94 -4.14
CA GLY A 229 10.85 15.91 -5.06
C GLY A 229 10.68 15.45 -6.49
N TRP A 230 10.97 14.19 -6.72
CA TRP A 230 10.87 13.63 -8.07
C TRP A 230 9.44 13.68 -8.60
N LEU A 231 8.47 13.22 -7.81
CA LEU A 231 7.07 13.19 -8.27
C LEU A 231 6.53 14.60 -8.57
N SER A 232 7.02 15.58 -7.82
CA SER A 232 6.55 16.95 -8.01
C SER A 232 7.03 17.55 -9.32
N GLU A 233 8.00 16.90 -9.97
CA GLU A 233 8.52 17.35 -11.26
C GLU A 233 8.25 16.41 -12.43
N SER A 234 7.94 15.15 -12.13
CA SER A 234 7.89 14.12 -13.17
C SER A 234 6.69 14.32 -14.07
N PRO A 235 6.86 14.20 -15.39
CA PRO A 235 5.72 14.25 -16.30
C PRO A 235 4.97 12.94 -16.49
N ILE A 236 5.32 11.90 -15.74
CA ILE A 236 4.61 10.63 -15.84
C ILE A 236 3.13 10.84 -15.47
N PRO A 237 2.20 10.33 -16.25
CA PRO A 237 0.78 10.49 -15.92
C PRO A 237 0.42 9.92 -14.54
N LYS A 238 -0.40 10.67 -13.82
CA LYS A 238 -0.80 10.33 -12.46
C LYS A 238 -2.32 10.42 -12.31
N LEU A 239 -2.84 9.51 -11.49
CA LEU A 239 -4.23 9.55 -11.04
C LEU A 239 -4.21 9.62 -9.52
N PHE A 240 -4.68 10.74 -8.99
CA PHE A 240 -4.82 10.92 -7.54
C PHE A 240 -6.26 10.64 -7.17
N ILE A 241 -6.48 9.54 -6.44
CA ILE A 241 -7.80 9.24 -5.89
C ILE A 241 -7.85 9.80 -4.49
N ASN A 242 -8.44 10.99 -4.39
CA ASN A 242 -8.65 11.68 -3.13
C ASN A 242 -9.81 11.03 -2.37
N ALA A 243 -9.79 11.14 -1.06
CA ALA A 243 -10.87 10.61 -0.24
C ALA A 243 -11.53 11.68 0.63
N GLU A 244 -12.81 11.49 0.90
CA GLU A 244 -13.57 12.37 1.79
C GLU A 244 -14.27 11.48 2.83
N PRO A 245 -13.94 11.66 4.11
CA PRO A 245 -13.02 12.64 4.68
C PRO A 245 -11.54 12.39 4.43
N GLY A 246 -11.16 11.17 4.03
CA GLY A 246 -9.75 10.81 3.96
C GLY A 246 -9.13 10.73 5.33
N ALA A 247 -7.82 10.53 5.40
CA ALA A 247 -7.12 10.37 6.67
C ALA A 247 -5.72 10.87 6.55
N LEU A 248 -4.86 10.08 5.86
CA LEU A 248 -3.44 10.41 5.73
C LEU A 248 -3.20 11.50 4.67
N THR A 249 -3.84 11.35 3.53
CA THR A 249 -3.65 12.32 2.44
C THR A 249 -4.71 13.43 2.51
N THR A 250 -4.49 14.28 3.50
CA THR A 250 -5.32 15.43 3.81
C THR A 250 -4.35 16.55 4.14
N GLY A 251 -4.88 17.74 4.42
CA GLY A 251 -4.02 18.81 4.88
C GLY A 251 -2.85 19.09 3.95
N ARG A 252 -1.69 19.32 4.56
CA ARG A 252 -0.48 19.73 3.80
C ARG A 252 -0.07 18.69 2.79
N MET A 253 -0.20 17.40 3.13
CA MET A 253 0.19 16.37 2.16
C MET A 253 -0.68 16.43 0.91
N ARG A 254 -1.99 16.61 1.09
CA ARG A 254 -2.89 16.70 -0.02
C ARG A 254 -2.59 17.96 -0.84
N ASP A 255 -2.30 19.06 -0.13
CA ASP A 255 -1.94 20.31 -0.81
C ASP A 255 -0.73 20.07 -1.74
N PHE A 256 0.23 19.30 -1.24
CA PHE A 256 1.45 18.99 -2.00
C PHE A 256 1.13 18.09 -3.19
N CYS A 257 0.40 17.01 -2.93
CA CYS A 257 -0.01 16.09 -4.02
C CYS A 257 -0.74 16.83 -5.14
N ARG A 258 -1.55 17.84 -4.80
CA ARG A 258 -2.29 18.58 -5.81
C ARG A 258 -1.41 19.48 -6.70
N THR A 259 -0.14 19.63 -6.35
CA THR A 259 0.85 20.33 -7.19
C THR A 259 1.49 19.41 -8.23
N TRP A 260 1.26 18.10 -8.14
CA TRP A 260 2.02 17.22 -9.04
C TRP A 260 1.57 17.34 -10.50
N PRO A 261 2.53 17.28 -11.44
CA PRO A 261 2.22 17.45 -12.86
C PRO A 261 1.48 16.31 -13.50
N ASN A 262 0.77 16.63 -14.58
CA ASN A 262 0.13 15.61 -15.43
C ASN A 262 -0.77 14.66 -14.64
N GLN A 263 -1.60 15.25 -13.79
CA GLN A 263 -2.36 14.47 -12.81
C GLN A 263 -3.83 14.77 -12.95
N THR A 264 -4.63 13.72 -12.92
CA THR A 264 -6.07 13.86 -12.83
C THR A 264 -6.47 13.44 -11.43
N GLU A 265 -7.57 13.99 -10.95
CA GLU A 265 -8.04 13.70 -9.60
C GLU A 265 -9.51 13.36 -9.62
N ILE A 266 -9.88 12.36 -8.83
CA ILE A 266 -11.27 12.15 -8.46
C ILE A 266 -11.37 12.06 -6.94
N THR A 267 -12.54 12.29 -6.40
CA THR A 267 -12.77 12.13 -4.96
C THR A 267 -13.78 11.04 -4.74
N VAL A 268 -13.47 10.12 -3.83
CA VAL A 268 -14.37 9.05 -3.45
C VAL A 268 -14.57 9.08 -1.93
N ALA A 269 -15.68 8.49 -1.44
CA ALA A 269 -15.95 8.39 -0.03
C ALA A 269 -15.01 7.39 0.62
N GLY A 270 -14.49 7.77 1.77
CA GLY A 270 -13.63 6.89 2.54
C GLY A 270 -12.76 7.64 3.51
N ALA A 271 -12.17 6.86 4.43
CA ALA A 271 -11.23 7.36 5.42
C ALA A 271 -9.83 7.00 4.99
N HIS A 272 -9.28 5.86 5.46
CA HIS A 272 -7.97 5.39 5.01
C HIS A 272 -8.06 4.22 4.05
N PHE A 273 -8.76 3.16 4.47
CA PHE A 273 -8.84 1.94 3.67
C PHE A 273 -9.97 2.04 2.69
N ILE A 274 -9.82 2.99 1.76
CA ILE A 274 -10.94 3.47 0.95
C ILE A 274 -11.43 2.42 -0.05
N GLN A 275 -10.59 1.42 -0.32
CA GLN A 275 -10.94 0.32 -1.20
C GLN A 275 -12.15 -0.46 -0.68
N GLU A 276 -12.37 -0.42 0.63
CA GLU A 276 -13.53 -1.11 1.23
C GLU A 276 -14.78 -0.26 1.22
N ASP A 277 -14.66 1.03 0.95
CA ASP A 277 -15.82 1.91 0.91
C ASP A 277 -16.29 2.22 -0.49
N SER A 278 -15.36 2.43 -1.41
CA SER A 278 -15.70 2.89 -2.75
C SER A 278 -14.98 2.08 -3.84
N PRO A 279 -15.03 0.76 -3.76
CA PRO A 279 -14.26 -0.05 -4.71
C PRO A 279 -14.68 0.13 -6.16
N ASP A 280 -15.97 0.32 -6.43
CA ASP A 280 -16.38 0.44 -7.83
C ASP A 280 -15.98 1.77 -8.43
N GLU A 281 -16.08 2.83 -7.65
CA GLU A 281 -15.64 4.14 -8.11
C GLU A 281 -14.14 4.12 -8.38
N ILE A 282 -13.39 3.51 -7.47
CA ILE A 282 -11.96 3.45 -7.59
C ILE A 282 -11.58 2.59 -8.79
N GLY A 283 -12.18 1.40 -8.89
CA GLY A 283 -11.89 0.52 -10.02
C GLY A 283 -12.19 1.15 -11.35
N ALA A 284 -13.35 1.81 -11.44
CA ALA A 284 -13.74 2.48 -12.69
C ALA A 284 -12.75 3.57 -13.07
N ALA A 285 -12.26 4.32 -12.09
CA ALA A 285 -11.31 5.39 -12.37
C ALA A 285 -9.97 4.86 -12.83
N ILE A 286 -9.48 3.83 -12.15
CA ILE A 286 -8.25 3.20 -12.58
C ILE A 286 -8.37 2.65 -14.00
N ALA A 287 -9.46 1.94 -14.28
CA ALA A 287 -9.62 1.34 -15.61
C ALA A 287 -9.63 2.43 -16.68
N ALA A 288 -10.32 3.54 -16.42
CA ALA A 288 -10.40 4.64 -17.38
C ALA A 288 -9.00 5.24 -17.62
N PHE A 289 -8.25 5.42 -16.56
CA PHE A 289 -6.85 5.88 -16.63
C PHE A 289 -6.00 4.94 -17.47
N VAL A 290 -6.09 3.64 -17.20
CA VAL A 290 -5.35 2.68 -18.02
C VAL A 290 -5.78 2.68 -19.49
N ARG A 291 -7.09 2.76 -19.76
CA ARG A 291 -7.56 2.80 -21.16
C ARG A 291 -6.98 4.00 -21.92
N ARG A 292 -6.83 5.13 -21.22
CA ARG A 292 -6.24 6.33 -21.83
C ARG A 292 -4.74 6.17 -22.06
N LEU A 293 -4.06 5.47 -21.15
CA LEU A 293 -2.63 5.18 -21.27
C LEU A 293 -2.31 4.13 -22.31
N ARG A 294 -3.29 3.27 -22.62
CA ARG A 294 -3.12 2.13 -23.50
C ARG A 294 -4.19 2.12 -24.59
N PRO A 295 -4.20 3.14 -25.45
CA PRO A 295 -5.16 3.17 -26.55
C PRO A 295 -4.82 2.15 -27.63
N ALA A 296 -5.83 1.69 -28.35
CA ALA A 296 -5.63 0.75 -29.44
C ALA A 296 -4.97 1.45 -30.61
#